data_5CKT
#
_entry.id   5CKT
#
_cell.length_a   42.580
_cell.length_b   49.690
_cell.length_c   52.330
_cell.angle_alpha   98.090
_cell.angle_beta   93.870
_cell.angle_gamma   106.010
#
_symmetry.space_group_name_H-M   'P 1'
#
loop_
_entity.id
_entity.type
_entity.pdbx_description
1 polymer 'TrfB transcriptional repressor protein'
2 polymer 'TrfB transcriptional repressor protein'
3 non-polymer 'ACETATE ION'
4 water water
#
loop_
_entity_poly.entity_id
_entity_poly.type
_entity_poly.pdbx_seq_one_letter_code
_entity_poly.pdbx_strand_id
1 'polypeptide(L)'
;MKKRLTESQFQEAIQGLEVGQQTIEIARGVLVDGKPQATFATSLGLTRGAVSQAVHRVWAAFEDKNLPEGYARVTAVLPE
HQAYIVRKWEADAKKKQET
;
A,B,C
2 'polypeptide(L)'
;MKKRLTESQFQEAIQGLEVGQQTIEIARGVLVDGKPQATFATSLGLTRGAVSQAVHRVWAAFEDKNLPEGYARVTAVLPE
HQAYIVRKWEADAKKKQETKR
;
D
#
loop_
_chem_comp.id
_chem_comp.type
_chem_comp.name
_chem_comp.formula
ACT non-polymer 'ACETATE ION' 'C2 H3 O2 -1'
#
# COMPACT_ATOMS: atom_id res chain seq x y z
N MET A 1 -10.20 7.20 21.82
CA MET A 1 -9.75 8.61 21.75
C MET A 1 -10.21 9.26 23.08
N LYS A 2 -10.24 10.58 23.30
CA LYS A 2 -10.17 11.68 22.32
C LYS A 2 -8.82 11.89 21.65
N LYS A 3 -8.87 12.36 20.39
CA LYS A 3 -7.66 12.65 19.62
C LYS A 3 -7.49 14.14 19.44
N ARG A 4 -6.59 14.72 20.20
CA ARG A 4 -6.37 16.16 20.18
C ARG A 4 -4.90 16.52 20.04
N LEU A 5 -4.65 17.73 19.54
CA LEU A 5 -3.30 18.25 19.38
C LEU A 5 -3.32 19.73 19.73
N THR A 6 -2.22 20.24 20.25
CA THR A 6 -2.05 21.69 20.39
C THR A 6 -1.62 22.22 19.03
N GLU A 7 -1.62 23.53 18.87
CA GLU A 7 -1.17 24.15 17.63
C GLU A 7 0.30 23.80 17.38
N SER A 8 1.09 23.78 18.44
CA SER A 8 2.51 23.46 18.34
C SER A 8 2.72 22.03 17.86
N GLN A 9 1.88 21.12 18.32
CA GLN A 9 1.96 19.72 17.88
C GLN A 9 1.46 19.60 16.46
N PHE A 10 0.48 20.42 16.12
CA PHE A 10 -0.11 20.44 14.79
C PHE A 10 0.94 20.87 13.77
N GLN A 11 1.71 21.90 14.11
CA GLN A 11 2.76 22.40 13.23
C GLN A 11 3.82 21.34 13.00
N GLU A 12 4.23 20.67 14.08
CA GLU A 12 5.14 19.54 13.99
C GLU A 12 4.58 18.46 13.07
N ALA A 13 3.27 18.23 13.15
CA ALA A 13 2.63 17.19 12.36
C ALA A 13 2.69 17.48 10.87
N ILE A 14 2.42 18.73 10.49
CA ILE A 14 2.40 19.12 9.08
C ILE A 14 3.76 19.59 8.57
N GLN A 15 4.74 19.68 9.47
CA GLN A 15 6.09 20.07 9.08
C GLN A 15 6.65 19.12 8.03
N GLY A 16 6.79 19.62 6.81
CA GLY A 16 7.34 18.83 5.72
C GLY A 16 6.36 17.79 5.19
N LEU A 17 5.09 17.94 5.54
CA LEU A 17 4.05 17.03 5.09
C LEU A 17 3.46 17.51 3.77
N GLU A 18 3.31 16.59 2.81
CA GLU A 18 2.63 16.90 1.56
C GLU A 18 1.14 16.90 1.79
N VAL A 19 0.57 18.09 1.91
CA VAL A 19 -0.84 18.20 2.24
C VAL A 19 -1.36 19.56 1.78
N GLY A 20 -2.61 19.57 1.30
CA GLY A 20 -3.23 20.78 0.78
C GLY A 20 -3.80 21.63 1.89
N GLN A 21 -4.08 22.89 1.59
CA GLN A 21 -4.51 23.83 2.63
C GLN A 21 -5.89 23.48 3.20
N GLN A 22 -6.79 22.99 2.36
CA GLN A 22 -8.13 22.61 2.84
C GLN A 22 -8.04 21.45 3.83
N THR A 23 -7.18 20.48 3.55
CA THR A 23 -6.96 19.35 4.45
C THR A 23 -6.49 19.88 5.80
N ILE A 24 -5.54 20.81 5.77
CA ILE A 24 -5.01 21.42 6.99
C ILE A 24 -6.12 22.10 7.80
N GLU A 25 -6.99 22.84 7.12
CA GLU A 25 -8.02 23.60 7.81
C GLU A 25 -8.99 22.67 8.54
N ILE A 26 -9.40 21.61 7.85
CA ILE A 26 -10.28 20.62 8.44
C ILE A 26 -9.58 19.96 9.61
N ALA A 27 -8.33 19.57 9.39
CA ALA A 27 -7.53 18.90 10.41
C ALA A 27 -7.39 19.79 11.64
N ARG A 28 -7.06 21.05 11.41
CA ARG A 28 -6.95 22.01 12.51
C ARG A 28 -8.28 22.09 13.28
N GLY A 29 -9.36 22.29 12.55
CA GLY A 29 -10.67 22.40 13.16
C GLY A 29 -11.05 21.22 14.02
N VAL A 30 -10.70 20.02 13.58
CA VAL A 30 -11.04 18.82 14.32
C VAL A 30 -10.08 18.57 15.47
N LEU A 31 -8.78 18.65 15.20
CA LEU A 31 -7.77 18.18 16.15
C LEU A 31 -7.35 19.19 17.21
N VAL A 32 -7.31 20.49 16.87
CA VAL A 32 -6.88 21.50 17.85
CA VAL A 32 -6.88 21.53 17.82
C VAL A 32 -8.04 22.38 18.32
N ASP A 33 -9.09 22.50 17.51
CA ASP A 33 -10.27 23.26 17.91
C ASP A 33 -11.36 22.37 18.51
N GLY A 34 -11.34 21.09 18.16
CA GLY A 34 -12.18 20.10 18.82
C GLY A 34 -13.56 19.93 18.20
N LYS A 35 -13.69 20.36 16.95
CA LYS A 35 -14.99 20.36 16.29
C LYS A 35 -15.28 19.02 15.64
N PRO A 36 -16.56 18.62 15.59
CA PRO A 36 -16.93 17.36 14.95
C PRO A 36 -16.72 17.39 13.43
N GLN A 37 -16.37 16.24 12.87
CA GLN A 37 -16.07 16.14 11.44
C GLN A 37 -17.28 16.45 10.57
N ALA A 38 -18.47 16.08 11.04
CA ALA A 38 -19.68 16.24 10.25
C ALA A 38 -19.94 17.69 9.86
N THR A 39 -19.49 18.62 10.69
CA THR A 39 -19.67 20.03 10.42
C THR A 39 -18.85 20.49 9.21
N PHE A 40 -17.66 19.90 9.05
CA PHE A 40 -16.78 20.26 7.93
C PHE A 40 -17.24 19.61 6.63
N ALA A 41 -17.92 18.46 6.75
CA ALA A 41 -18.52 17.82 5.59
C ALA A 41 -19.63 18.69 5.03
N THR A 42 -20.49 19.16 5.92
CA THR A 42 -21.65 19.95 5.54
C THR A 42 -21.26 21.33 5.00
N SER A 43 -20.36 22.01 5.69
CA SER A 43 -19.98 23.37 5.32
C SER A 43 -19.22 23.43 4.00
N LEU A 44 -18.40 22.41 3.75
CA LEU A 44 -17.51 22.41 2.60
C LEU A 44 -18.04 21.58 1.43
N GLY A 45 -19.18 20.93 1.62
CA GLY A 45 -19.75 20.09 0.58
C GLY A 45 -18.90 18.86 0.31
N LEU A 46 -18.35 18.30 1.38
CA LEU A 46 -17.51 17.11 1.27
C LEU A 46 -18.19 15.91 1.90
N THR A 47 -17.79 14.73 1.49
CA THR A 47 -18.31 13.50 2.08
C THR A 47 -17.67 13.35 3.46
N ARG A 48 -18.32 12.60 4.34
CA ARG A 48 -17.78 12.41 5.68
C ARG A 48 -16.46 11.65 5.60
N GLY A 49 -16.33 10.82 4.57
CA GLY A 49 -15.11 10.06 4.36
C GLY A 49 -13.95 10.95 3.93
N ALA A 50 -14.23 11.93 3.09
CA ALA A 50 -13.21 12.88 2.65
C ALA A 50 -12.69 13.64 3.86
N VAL A 51 -13.60 14.00 4.76
CA VAL A 51 -13.24 14.72 5.97
C VAL A 51 -12.40 13.82 6.89
N SER A 52 -12.87 12.59 7.10
CA SER A 52 -12.15 11.63 7.92
C SER A 52 -10.75 11.41 7.36
N GLN A 53 -10.66 11.36 6.05
CA GLN A 53 -9.41 11.14 5.34
C GLN A 53 -8.41 12.27 5.62
N ALA A 54 -8.91 13.50 5.69
CA ALA A 54 -8.08 14.67 5.94
C ALA A 54 -7.56 14.68 7.39
N VAL A 55 -8.44 14.39 8.33
CA VAL A 55 -8.07 14.36 9.74
C VAL A 55 -7.02 13.29 9.99
N HIS A 56 -7.27 12.09 9.45
CA HIS A 56 -6.37 10.97 9.65
C HIS A 56 -4.97 11.24 9.12
N ARG A 57 -4.86 11.91 7.97
CA ARG A 57 -3.55 12.15 7.37
C ARG A 57 -2.64 12.96 8.30
N VAL A 58 -3.22 13.98 8.93
CA VAL A 58 -2.45 14.83 9.82
C VAL A 58 -2.18 14.14 11.16
N TRP A 59 -3.19 13.48 11.70
CA TRP A 59 -3.02 12.75 12.96
C TRP A 59 -1.94 11.70 12.83
N ALA A 60 -1.98 10.95 11.72
CA ALA A 60 -1.03 9.88 11.49
C ALA A 60 0.38 10.45 11.36
N ALA A 61 0.50 11.58 10.68
CA ALA A 61 1.78 12.26 10.52
C ALA A 61 2.39 12.58 11.89
N PHE A 62 1.56 13.09 12.80
CA PHE A 62 2.04 13.38 14.15
C PHE A 62 2.55 12.13 14.84
N GLU A 63 1.67 11.14 14.96
CA GLU A 63 1.99 9.91 15.69
C GLU A 63 3.24 9.24 15.17
N ASP A 64 3.41 9.20 13.85
CA ASP A 64 4.57 8.56 13.26
C ASP A 64 5.86 9.24 13.71
N LYS A 65 5.74 10.48 14.16
CA LYS A 65 6.88 11.22 14.67
C LYS A 65 7.03 11.09 16.19
N ASN A 66 6.03 10.53 16.85
CA ASN A 66 6.02 10.47 18.31
C ASN A 66 5.63 9.08 18.86
N LEU A 67 6.05 8.03 18.16
CA LEU A 67 5.81 6.67 18.61
C LEU A 67 6.81 6.30 19.70
N PRO A 68 6.32 5.87 20.88
CA PRO A 68 7.28 5.38 21.87
C PRO A 68 7.97 4.11 21.39
N GLU A 69 9.10 3.79 21.98
CA GLU A 69 9.81 2.56 21.64
C GLU A 69 8.93 1.35 21.88
N GLY A 70 8.92 0.45 20.92
CA GLY A 70 8.15 -0.78 21.01
C GLY A 70 6.70 -0.62 20.61
N TYR A 71 6.34 0.56 20.07
CA TYR A 71 4.96 0.83 19.67
C TYR A 71 4.83 0.95 18.15
N ALA A 72 3.61 0.78 17.66
CA ALA A 72 3.29 1.01 16.26
C ALA A 72 1.89 1.58 16.12
N ARG A 73 1.63 2.17 14.96
CA ARG A 73 0.34 2.79 14.66
C ARG A 73 -0.53 1.85 13.84
N VAL A 74 -1.80 1.73 14.23
CA VAL A 74 -2.78 0.98 13.43
C VAL A 74 -4.05 1.76 13.20
N THR A 75 -4.57 1.64 11.98
CA THR A 75 -5.93 2.04 11.65
C THR A 75 -6.58 0.87 10.93
N ALA A 76 -7.78 0.53 11.38
CA ALA A 76 -8.49 -0.61 10.80
C ALA A 76 -9.95 -0.58 11.20
N VAL A 77 -10.79 -1.17 10.35
CA VAL A 77 -12.20 -1.37 10.67
C VAL A 77 -12.34 -2.78 11.21
N LEU A 78 -13.05 -2.92 12.32
CA LEU A 78 -13.14 -4.19 13.02
C LEU A 78 -14.55 -4.42 13.52
N PRO A 79 -14.95 -5.70 13.65
CA PRO A 79 -16.21 -5.99 14.34
C PRO A 79 -16.16 -5.44 15.76
N GLU A 80 -17.33 -5.14 16.34
CA GLU A 80 -17.40 -4.38 17.58
C GLU A 80 -16.62 -4.99 18.75
N HIS A 81 -16.66 -6.31 18.88
CA HIS A 81 -16.03 -6.95 20.03
C HIS A 81 -14.51 -6.79 20.00
N GLN A 82 -13.95 -6.77 18.79
CA GLN A 82 -12.52 -6.57 18.64
C GLN A 82 -12.15 -5.12 18.88
N ALA A 83 -13.02 -4.20 18.47
CA ALA A 83 -12.84 -2.79 18.77
C ALA A 83 -12.82 -2.55 20.27
N TYR A 84 -13.61 -3.33 21.00
CA TYR A 84 -13.67 -3.24 22.45
C TYR A 84 -12.32 -3.58 23.07
N ILE A 85 -11.69 -4.64 22.57
CA ILE A 85 -10.42 -5.09 23.10
C ILE A 85 -9.32 -4.06 22.80
N VAL A 86 -9.38 -3.45 21.62
CA VAL A 86 -8.40 -2.46 21.23
C VAL A 86 -8.43 -1.27 22.18
N ARG A 87 -9.63 -0.81 22.53
CA ARG A 87 -9.79 0.28 23.48
C ARG A 87 -9.17 -0.07 24.82
N LYS A 88 -9.37 -1.30 25.26
CA LYS A 88 -8.79 -1.75 26.53
C LYS A 88 -7.25 -1.72 26.43
N TRP A 89 -6.74 -2.24 25.32
CA TRP A 89 -5.30 -2.26 25.08
C TRP A 89 -4.76 -0.84 25.04
N GLU A 90 -5.53 0.06 24.46
CA GLU A 90 -5.15 1.44 24.32
C GLU A 90 -5.07 2.12 25.68
N ALA A 91 -6.07 1.85 26.51
CA ALA A 91 -6.13 2.42 27.85
C ALA A 91 -5.00 1.89 28.72
N ASP A 92 -4.74 0.59 28.63
CA ASP A 92 -3.68 -0.04 29.39
C ASP A 92 -2.34 0.58 28.98
N ALA A 93 -2.12 0.69 27.67
CA ALA A 93 -0.92 1.34 27.13
C ALA A 93 -0.71 2.72 27.74
N LYS A 94 -1.75 3.55 27.70
CA LYS A 94 -1.67 4.93 28.15
C LYS A 94 -1.24 5.05 29.61
N LYS A 95 -1.81 4.21 30.48
CA LYS A 95 -1.47 4.22 31.89
C LYS A 95 0.02 3.93 32.10
N LYS A 96 0.54 2.96 31.36
CA LYS A 96 1.96 2.62 31.46
C LYS A 96 2.86 3.75 30.97
N GLN A 97 2.45 4.40 29.88
CA GLN A 97 3.19 5.54 29.35
C GLN A 97 3.25 6.66 30.38
N GLU A 98 2.09 6.99 30.93
CA GLU A 98 1.98 8.01 31.98
C GLU A 98 2.91 7.72 33.15
N THR A 99 2.91 6.46 33.59
CA THR A 99 3.62 6.05 34.79
C THR A 99 5.11 6.40 34.72
N MET B 1 14.38 18.90 1.62
CA MET B 1 14.74 19.42 0.27
C MET B 1 14.03 18.61 -0.80
N LYS B 2 13.42 19.32 -1.75
CA LYS B 2 12.69 18.68 -2.85
C LYS B 2 13.62 17.77 -3.65
N LYS B 3 13.15 16.56 -3.90
CA LYS B 3 13.95 15.57 -4.62
C LYS B 3 13.80 15.77 -6.12
N ARG B 4 14.91 15.63 -6.84
CA ARG B 4 14.91 15.77 -8.29
C ARG B 4 15.84 14.73 -8.91
N LEU B 5 15.52 14.36 -10.16
CA LEU B 5 16.33 13.45 -10.93
C LEU B 5 16.45 13.99 -12.35
N THR B 6 17.55 13.67 -13.02
CA THR B 6 17.66 13.91 -14.45
C THR B 6 16.83 12.85 -15.16
N GLU B 7 16.62 13.01 -16.46
CA GLU B 7 15.84 12.05 -17.23
C GLU B 7 16.58 10.72 -17.25
N SER B 8 17.91 10.78 -17.26
CA SER B 8 18.75 9.59 -17.28
C SER B 8 18.69 8.83 -15.96
N GLN B 9 18.77 9.55 -14.86
CA GLN B 9 18.60 8.96 -13.53
C GLN B 9 17.20 8.38 -13.40
N PHE B 10 16.23 9.08 -14.00
CA PHE B 10 14.84 8.66 -13.92
C PHE B 10 14.61 7.33 -14.66
N GLN B 11 15.15 7.22 -15.87
CA GLN B 11 14.99 6.00 -16.66
C GLN B 11 15.60 4.81 -15.94
N GLU B 12 16.73 5.05 -15.28
CA GLU B 12 17.38 4.04 -14.46
C GLU B 12 16.46 3.59 -13.33
N ALA B 13 15.80 4.55 -12.70
CA ALA B 13 14.97 4.27 -11.53
C ALA B 13 13.76 3.40 -11.85
N ILE B 14 13.11 3.70 -12.97
CA ILE B 14 11.86 3.03 -13.31
C ILE B 14 12.08 1.69 -14.01
N GLN B 15 13.33 1.33 -14.25
CA GLN B 15 13.66 0.09 -14.94
C GLN B 15 13.24 -1.11 -14.10
N GLY B 16 12.28 -1.87 -14.62
CA GLY B 16 11.77 -3.06 -13.93
C GLY B 16 10.70 -2.74 -12.91
N LEU B 17 10.45 -1.46 -12.67
CA LEU B 17 9.50 -1.04 -11.65
C LEU B 17 8.08 -1.41 -12.06
N GLU B 18 7.44 -2.23 -11.23
CA GLU B 18 6.10 -2.74 -11.53
C GLU B 18 5.01 -1.87 -10.93
N VAL B 19 4.79 -0.71 -11.55
CA VAL B 19 3.72 0.20 -11.15
C VAL B 19 2.94 0.61 -12.39
N GLY B 20 1.82 1.29 -12.17
CA GLY B 20 1.03 1.82 -13.26
C GLY B 20 1.76 2.96 -13.92
N GLN B 21 1.42 3.23 -15.18
CA GLN B 21 2.08 4.30 -15.92
CA GLN B 21 2.06 4.30 -15.94
C GLN B 21 1.79 5.67 -15.32
N GLN B 22 0.64 5.80 -14.67
CA GLN B 22 0.29 7.05 -14.01
C GLN B 22 1.29 7.39 -12.90
N THR B 23 1.73 6.36 -12.19
CA THR B 23 2.75 6.54 -11.15
C THR B 23 4.03 7.12 -11.74
N ILE B 24 4.47 6.52 -12.85
CA ILE B 24 5.68 6.96 -13.55
C ILE B 24 5.54 8.40 -14.03
N GLU B 25 4.38 8.73 -14.57
CA GLU B 25 4.16 10.06 -15.13
C GLU B 25 4.09 11.13 -14.04
N ILE B 26 3.43 10.82 -12.93
CA ILE B 26 3.46 11.71 -11.78
C ILE B 26 4.91 11.92 -11.33
N ALA B 27 5.65 10.83 -11.18
CA ALA B 27 7.03 10.89 -10.74
C ALA B 27 7.91 11.69 -11.70
N ARG B 28 7.67 11.55 -13.00
CA ARG B 28 8.44 12.30 -13.99
C ARG B 28 8.20 13.79 -13.81
N GLY B 29 6.94 14.15 -13.65
CA GLY B 29 6.57 15.55 -13.54
C GLY B 29 7.12 16.24 -12.31
N VAL B 30 7.21 15.48 -11.22
CA VAL B 30 7.69 16.03 -9.96
C VAL B 30 9.21 15.97 -9.90
N LEU B 31 9.77 14.79 -10.12
CA LEU B 31 11.22 14.58 -9.98
C LEU B 31 12.03 15.19 -11.13
N VAL B 32 11.58 15.01 -12.38
CA VAL B 32 12.34 15.53 -13.52
C VAL B 32 11.95 16.97 -13.90
N ASP B 33 10.65 17.26 -13.95
CA ASP B 33 10.18 18.57 -14.41
C ASP B 33 10.06 19.61 -13.28
N GLY B 34 10.10 19.14 -12.04
CA GLY B 34 10.09 20.03 -10.89
C GLY B 34 8.72 20.62 -10.57
N LYS B 35 7.67 20.00 -11.08
CA LYS B 35 6.32 20.50 -10.85
C LYS B 35 5.84 20.17 -9.45
N PRO B 36 5.02 21.05 -8.85
CA PRO B 36 4.46 20.81 -7.51
C PRO B 36 3.63 19.54 -7.50
N GLN B 37 3.72 18.79 -6.40
CA GLN B 37 2.90 17.59 -6.24
C GLN B 37 1.42 17.96 -6.24
N ALA B 38 1.09 19.13 -5.73
CA ALA B 38 -0.29 19.61 -5.68
C ALA B 38 -0.92 19.70 -7.07
N THR B 39 -0.11 20.02 -8.07
CA THR B 39 -0.62 20.17 -9.43
C THR B 39 -1.16 18.83 -9.94
N PHE B 40 -0.46 17.76 -9.59
CA PHE B 40 -0.86 16.42 -10.04
C PHE B 40 -2.05 15.91 -9.25
N ALA B 41 -2.11 16.27 -7.97
CA ALA B 41 -3.27 15.94 -7.14
C ALA B 41 -4.50 16.62 -7.72
N THR B 42 -4.35 17.88 -8.08
CA THR B 42 -5.44 18.66 -8.68
C THR B 42 -5.80 18.11 -10.05
N SER B 43 -4.81 17.99 -10.93
CA SER B 43 -5.06 17.56 -12.31
C SER B 43 -5.74 16.20 -12.42
N LEU B 44 -5.29 15.23 -11.61
CA LEU B 44 -5.73 13.85 -11.76
C LEU B 44 -6.85 13.44 -10.80
N GLY B 45 -7.09 14.24 -9.77
CA GLY B 45 -8.09 13.91 -8.79
C GLY B 45 -7.58 12.89 -7.79
N LEU B 46 -6.36 13.11 -7.31
CA LEU B 46 -5.71 12.21 -6.38
C LEU B 46 -5.49 12.88 -5.03
N THR B 47 -5.42 12.08 -3.97
CA THR B 47 -5.01 12.59 -2.67
C THR B 47 -3.54 12.96 -2.73
N ARG B 48 -3.11 13.88 -1.86
CA ARG B 48 -1.70 14.23 -1.77
C ARG B 48 -0.90 13.05 -1.22
N GLY B 49 -1.56 12.20 -0.46
CA GLY B 49 -0.96 10.96 0.00
C GLY B 49 -0.59 10.05 -1.16
N ALA B 50 -1.52 9.91 -2.11
CA ALA B 50 -1.32 9.06 -3.27
C ALA B 50 -0.23 9.61 -4.18
N VAL B 51 -0.19 10.92 -4.34
CA VAL B 51 0.79 11.55 -5.21
C VAL B 51 2.18 11.39 -4.59
N SER B 52 2.27 11.59 -3.28
CA SER B 52 3.56 11.48 -2.58
C SER B 52 4.09 10.05 -2.61
N GLN B 53 3.18 9.07 -2.53
CA GLN B 53 3.56 7.67 -2.60
C GLN B 53 4.10 7.32 -3.98
N ALA B 54 3.47 7.88 -5.02
CA ALA B 54 3.93 7.66 -6.38
C ALA B 54 5.35 8.22 -6.55
N VAL B 55 5.58 9.41 -6.03
CA VAL B 55 6.88 10.04 -6.12
C VAL B 55 7.89 9.23 -5.31
N HIS B 56 7.46 8.80 -4.13
CA HIS B 56 8.33 8.04 -3.26
C HIS B 56 8.72 6.67 -3.83
N ARG B 57 7.83 6.03 -4.59
CA ARG B 57 8.14 4.73 -5.17
C ARG B 57 9.34 4.84 -6.10
N VAL B 58 9.27 5.80 -7.02
CA VAL B 58 10.34 5.96 -8.01
C VAL B 58 11.61 6.42 -7.33
N TRP B 59 11.50 7.36 -6.39
CA TRP B 59 12.68 7.83 -5.67
C TRP B 59 13.37 6.69 -4.91
N ALA B 60 12.57 5.82 -4.29
CA ALA B 60 13.13 4.69 -3.55
C ALA B 60 13.79 3.72 -4.51
N ALA B 61 13.17 3.54 -5.68
CA ALA B 61 13.72 2.68 -6.72
C ALA B 61 15.10 3.19 -7.15
N PHE B 62 15.19 4.51 -7.33
CA PHE B 62 16.47 5.13 -7.67
C PHE B 62 17.52 4.85 -6.61
N GLU B 63 17.15 5.08 -5.35
CA GLU B 63 18.08 4.88 -4.24
C GLU B 63 18.55 3.43 -4.17
N ASP B 64 17.65 2.50 -4.43
CA ASP B 64 17.98 1.08 -4.43
C ASP B 64 19.04 0.73 -5.46
N LYS B 65 19.12 1.50 -6.54
CA LYS B 65 20.05 1.22 -7.62
C LYS B 65 21.37 1.97 -7.49
N ASN B 66 21.46 2.83 -6.47
CA ASN B 66 22.69 3.58 -6.22
C ASN B 66 23.05 3.53 -4.75
N LEU B 67 23.00 2.32 -4.20
CA LEU B 67 23.35 2.09 -2.82
C LEU B 67 24.87 2.02 -2.67
N PRO B 68 25.40 2.35 -1.48
CA PRO B 68 26.80 2.09 -1.20
C PRO B 68 27.07 0.61 -1.38
N GLU B 69 28.27 0.20 -1.77
CA GLU B 69 28.55 -1.22 -1.80
C GLU B 69 28.70 -1.68 -0.35
N GLY B 70 28.45 -2.95 -0.12
CA GLY B 70 28.24 -3.45 1.22
C GLY B 70 26.78 -3.33 1.59
N TYR B 71 25.95 -2.91 0.62
CA TYR B 71 24.51 -2.80 0.82
C TYR B 71 23.76 -3.31 -0.41
N ALA B 72 22.56 -3.85 -0.18
CA ALA B 72 21.70 -4.32 -1.25
C ALA B 72 20.27 -4.50 -0.77
N ARG B 73 19.32 -4.45 -1.68
CA ARG B 73 17.97 -4.90 -1.39
C ARG B 73 17.94 -6.42 -1.56
N VAL B 74 17.44 -7.10 -0.54
CA VAL B 74 17.36 -8.56 -0.57
C VAL B 74 15.92 -8.96 -0.27
N THR B 75 15.51 -10.10 -0.83
CA THR B 75 14.15 -10.59 -0.68
C THR B 75 14.14 -12.01 -0.12
N ALA B 76 13.12 -12.31 0.68
CA ALA B 76 12.92 -13.65 1.20
C ALA B 76 11.54 -13.81 1.83
N VAL B 77 11.11 -15.05 1.97
CA VAL B 77 9.92 -15.38 2.74
C VAL B 77 10.41 -15.86 4.09
N LEU B 78 9.79 -15.37 5.16
CA LEU B 78 10.29 -15.64 6.51
C LEU B 78 9.17 -15.72 7.53
N PRO B 79 9.44 -16.37 8.67
CA PRO B 79 8.53 -16.29 9.81
C PRO B 79 8.29 -14.83 10.16
N GLU B 80 7.10 -14.50 10.63
CA GLU B 80 6.73 -13.10 10.84
C GLU B 80 7.71 -12.35 11.76
N HIS B 81 8.15 -13.00 12.82
CA HIS B 81 9.04 -12.33 13.77
C HIS B 81 10.35 -11.89 13.12
N GLN B 82 10.89 -12.70 12.21
CA GLN B 82 12.10 -12.34 11.50
C GLN B 82 11.86 -11.29 10.40
N ALA B 83 10.70 -11.37 9.75
CA ALA B 83 10.32 -10.38 8.75
C ALA B 83 10.26 -8.99 9.38
N TYR B 84 9.68 -8.91 10.57
CA TYR B 84 9.57 -7.65 11.29
C TYR B 84 10.94 -7.08 11.61
N ILE B 85 11.84 -7.95 12.07
CA ILE B 85 13.19 -7.54 12.40
C ILE B 85 13.90 -6.93 11.20
N VAL B 86 13.73 -7.56 10.04
CA VAL B 86 14.33 -7.10 8.80
C VAL B 86 13.83 -5.69 8.48
N ARG B 87 12.53 -5.48 8.69
CA ARG B 87 11.91 -4.19 8.43
C ARG B 87 12.36 -3.16 9.46
N LYS B 88 12.46 -3.60 10.71
CA LYS B 88 12.86 -2.74 11.81
C LYS B 88 14.32 -2.32 11.67
N TRP B 89 15.13 -3.18 11.08
CA TRP B 89 16.54 -2.86 10.81
C TRP B 89 16.66 -1.78 9.75
N GLU B 90 15.96 -1.99 8.64
CA GLU B 90 16.00 -1.09 7.50
C GLU B 90 15.61 0.32 7.91
N ALA B 91 14.61 0.42 8.77
CA ALA B 91 14.15 1.72 9.24
C ALA B 91 15.24 2.40 10.05
N ASP B 92 15.78 1.68 11.03
CA ASP B 92 16.86 2.20 11.87
C ASP B 92 18.01 2.74 11.04
N ALA B 93 18.33 2.04 9.96
CA ALA B 93 19.41 2.46 9.07
C ALA B 93 19.06 3.78 8.40
N LYS B 94 18.23 3.73 7.37
CA LYS B 94 17.88 4.91 6.55
C LYS B 94 17.62 6.15 7.41
N LYS B 95 17.16 5.91 8.63
CA LYS B 95 16.98 6.97 9.61
C LYS B 95 18.34 7.56 10.01
N LYS B 96 19.19 6.75 10.62
CA LYS B 96 20.47 7.24 11.13
C LYS B 96 21.42 7.69 10.02
N GLN B 97 21.30 7.07 8.85
CA GLN B 97 22.25 7.28 7.76
C GLN B 97 22.37 8.75 7.35
N GLU B 98 21.23 9.35 6.99
CA GLU B 98 21.21 10.71 6.46
C GLU B 98 20.69 11.70 7.50
N THR B 99 19.92 11.21 8.46
CA THR B 99 19.30 12.04 9.48
C THR B 99 20.08 11.93 10.79
N MET C 1 16.27 -27.01 -5.17
CA MET C 1 15.26 -27.42 -6.18
C MET C 1 14.70 -26.18 -6.87
N LYS C 2 14.40 -26.30 -8.16
CA LYS C 2 13.90 -25.16 -8.92
C LYS C 2 12.39 -25.01 -8.79
N LYS C 3 11.95 -23.75 -8.75
CA LYS C 3 10.56 -23.41 -8.49
C LYS C 3 9.61 -23.92 -9.58
N ARG C 4 8.68 -24.76 -9.17
CA ARG C 4 7.69 -25.35 -10.08
C ARG C 4 6.29 -25.25 -9.50
N LEU C 5 5.27 -25.39 -10.35
CA LEU C 5 3.87 -25.40 -9.91
C LEU C 5 3.07 -26.49 -10.60
N THR C 6 2.11 -27.06 -9.87
CA THR C 6 1.13 -27.96 -10.44
C THR C 6 0.10 -27.17 -11.23
N GLU C 7 -0.74 -27.87 -11.98
CA GLU C 7 -1.79 -27.20 -12.76
C GLU C 7 -2.74 -26.43 -11.83
N SER C 8 -3.07 -27.00 -10.68
CA SER C 8 -3.99 -26.36 -9.75
C SER C 8 -3.40 -25.07 -9.18
N GLN C 9 -2.14 -25.14 -8.75
CA GLN C 9 -1.45 -23.98 -8.20
C GLN C 9 -1.31 -22.89 -9.24
N PHE C 10 -1.01 -23.29 -10.48
CA PHE C 10 -0.81 -22.35 -11.58
C PHE C 10 -2.10 -21.62 -11.95
N GLN C 11 -3.19 -22.37 -12.14
CA GLN C 11 -4.46 -21.77 -12.49
C GLN C 11 -4.93 -20.81 -11.39
N GLU C 12 -4.66 -21.17 -10.14
CA GLU C 12 -5.00 -20.31 -9.03
C GLU C 12 -4.18 -19.01 -9.10
N ALA C 13 -2.91 -19.15 -9.45
CA ALA C 13 -2.01 -18.00 -9.51
C ALA C 13 -2.42 -17.00 -10.58
N ILE C 14 -2.82 -17.49 -11.75
CA ILE C 14 -3.18 -16.59 -12.86
C ILE C 14 -4.63 -16.12 -12.81
N GLN C 15 -5.40 -16.64 -11.86
CA GLN C 15 -6.81 -16.29 -11.76
C GLN C 15 -6.97 -14.86 -11.25
N GLY C 16 -7.35 -13.96 -12.15
CA GLY C 16 -7.51 -12.56 -11.80
C GLY C 16 -6.17 -11.86 -11.70
N LEU C 17 -5.37 -12.01 -12.76
CA LEU C 17 -4.02 -11.46 -12.79
C LEU C 17 -3.85 -10.54 -14.00
N GLU C 18 -3.48 -9.30 -13.74
CA GLU C 18 -3.31 -8.32 -14.81
C GLU C 18 -2.05 -8.62 -15.61
N VAL C 19 -2.12 -9.64 -16.46
CA VAL C 19 -1.02 -9.93 -17.36
C VAL C 19 -1.54 -10.42 -18.70
N GLY C 20 -0.79 -10.14 -19.75
CA GLY C 20 -1.14 -10.58 -21.09
C GLY C 20 -1.07 -12.09 -21.21
N GLN C 21 -1.28 -12.58 -22.43
CA GLN C 21 -1.21 -13.99 -22.72
C GLN C 21 0.23 -14.45 -22.83
N GLN C 22 1.13 -13.50 -23.08
CA GLN C 22 2.56 -13.79 -23.18
C GLN C 22 3.14 -14.19 -21.82
N THR C 23 2.78 -13.43 -20.80
CA THR C 23 3.24 -13.68 -19.43
C THR C 23 2.79 -15.07 -18.97
N ILE C 24 1.56 -15.43 -19.33
CA ILE C 24 1.00 -16.72 -18.96
C ILE C 24 1.71 -17.83 -19.70
N GLU C 25 1.94 -17.63 -20.99
CA GLU C 25 2.69 -18.58 -21.81
C GLU C 25 4.07 -18.84 -21.21
N ILE C 26 4.78 -17.75 -20.93
CA ILE C 26 6.08 -17.81 -20.30
C ILE C 26 6.03 -18.55 -18.96
N ALA C 27 5.13 -18.12 -18.08
CA ALA C 27 5.04 -18.67 -16.73
C ALA C 27 4.71 -20.16 -16.75
N ARG C 28 3.76 -20.56 -17.58
CA ARG C 28 3.43 -21.97 -17.73
C ARG C 28 4.66 -22.73 -18.20
N GLY C 29 5.32 -22.20 -19.22
CA GLY C 29 6.51 -22.81 -19.77
C GLY C 29 7.57 -23.08 -18.72
N VAL C 30 7.83 -22.09 -17.87
CA VAL C 30 8.90 -22.20 -16.90
C VAL C 30 8.46 -22.93 -15.63
N LEU C 31 7.37 -22.48 -15.03
CA LEU C 31 6.95 -22.98 -13.71
C LEU C 31 6.25 -24.33 -13.79
N VAL C 32 5.41 -24.53 -14.82
CA VAL C 32 4.71 -25.79 -14.97
C VAL C 32 5.54 -26.79 -15.76
N ASP C 33 6.07 -26.37 -16.92
CA ASP C 33 6.75 -27.31 -17.81
C ASP C 33 8.26 -27.46 -17.55
N GLY C 34 8.83 -26.55 -16.76
CA GLY C 34 10.22 -26.67 -16.36
C GLY C 34 11.22 -26.17 -17.39
N LYS C 35 10.74 -25.55 -18.46
CA LYS C 35 11.63 -25.05 -19.51
C LYS C 35 12.48 -23.88 -19.02
N PRO C 36 13.71 -23.76 -19.53
CA PRO C 36 14.53 -22.64 -19.05
C PRO C 36 14.06 -21.30 -19.62
N GLN C 37 14.28 -20.24 -18.85
CA GLN C 37 13.78 -18.91 -19.20
C GLN C 37 14.37 -18.38 -20.51
N ALA C 38 15.63 -18.71 -20.78
CA ALA C 38 16.33 -18.20 -21.95
C ALA C 38 15.62 -18.59 -23.25
N THR C 39 14.92 -19.72 -23.23
CA THR C 39 14.24 -20.21 -24.41
C THR C 39 13.11 -19.28 -24.82
N PHE C 40 12.42 -18.73 -23.84
CA PHE C 40 11.32 -17.81 -24.11
C PHE C 40 11.80 -16.41 -24.49
N ALA C 41 12.93 -15.99 -23.92
CA ALA C 41 13.55 -14.74 -24.32
C ALA C 41 13.79 -14.76 -25.82
N THR C 42 14.41 -15.84 -26.26
CA THR C 42 14.75 -16.05 -27.67
C THR C 42 13.52 -16.29 -28.54
N SER C 43 12.61 -17.14 -28.06
CA SER C 43 11.45 -17.53 -28.85
C SER C 43 10.56 -16.32 -29.09
N LEU C 44 10.41 -15.49 -28.06
CA LEU C 44 9.52 -14.33 -28.11
C LEU C 44 10.28 -13.03 -28.37
N GLY C 45 11.59 -13.12 -28.54
CA GLY C 45 12.42 -11.94 -28.77
C GLY C 45 12.34 -10.94 -27.63
N LEU C 46 12.43 -11.44 -26.40
CA LEU C 46 12.39 -10.60 -25.22
C LEU C 46 13.72 -10.67 -24.46
N THR C 47 13.87 -9.79 -23.49
CA THR C 47 15.06 -9.78 -22.65
C THR C 47 14.95 -10.84 -21.58
N ARG C 48 16.09 -11.20 -20.98
CA ARG C 48 16.09 -12.10 -19.85
C ARG C 48 15.31 -11.46 -18.70
N GLY C 49 15.45 -10.15 -18.57
CA GLY C 49 14.75 -9.40 -17.54
C GLY C 49 13.25 -9.46 -17.71
N ALA C 50 12.79 -9.43 -18.95
CA ALA C 50 11.36 -9.46 -19.23
C ALA C 50 10.77 -10.82 -18.85
N VAL C 51 11.40 -11.87 -19.35
CA VAL C 51 10.99 -13.24 -19.05
C VAL C 51 10.98 -13.49 -17.55
N SER C 52 12.09 -13.16 -16.90
CA SER C 52 12.24 -13.35 -15.47
C SER C 52 11.14 -12.62 -14.70
N GLN C 53 10.76 -11.45 -15.18
CA GLN C 53 9.71 -10.67 -14.55
C GLN C 53 8.35 -11.34 -14.72
N ALA C 54 8.14 -11.99 -15.86
CA ALA C 54 6.89 -12.67 -16.12
C ALA C 54 6.76 -13.89 -15.23
N VAL C 55 7.88 -14.55 -14.98
CA VAL C 55 7.91 -15.69 -14.07
C VAL C 55 7.65 -15.21 -12.65
N HIS C 56 8.24 -14.08 -12.29
CA HIS C 56 8.13 -13.55 -10.93
C HIS C 56 6.68 -13.19 -10.58
N ARG C 57 5.99 -12.54 -11.51
CA ARG C 57 4.62 -12.09 -11.26
CA ARG C 57 4.62 -12.09 -11.27
C ARG C 57 3.71 -13.27 -10.92
N VAL C 58 3.85 -14.36 -11.66
CA VAL C 58 3.01 -15.54 -11.43
C VAL C 58 3.45 -16.27 -10.17
N TRP C 59 4.76 -16.39 -9.96
CA TRP C 59 5.26 -17.01 -8.75
C TRP C 59 4.82 -16.22 -7.52
N ALA C 60 4.97 -14.90 -7.60
CA ALA C 60 4.58 -14.01 -6.52
C ALA C 60 3.12 -14.20 -6.16
N ALA C 61 2.29 -14.40 -7.18
CA ALA C 61 0.85 -14.52 -6.99
C ALA C 61 0.50 -15.83 -6.30
N PHE C 62 1.29 -16.88 -6.55
CA PHE C 62 1.07 -18.18 -5.91
C PHE C 62 1.55 -18.11 -4.47
N GLU C 63 2.60 -17.32 -4.24
CA GLU C 63 3.16 -17.15 -2.91
C GLU C 63 2.16 -16.43 -2.03
N ASP C 64 1.64 -15.33 -2.55
CA ASP C 64 0.73 -14.47 -1.79
C ASP C 64 -0.59 -15.16 -1.42
N LYS C 65 -0.82 -16.34 -1.99
CA LYS C 65 -2.04 -17.09 -1.74
C LYS C 65 -1.79 -18.37 -0.93
N ASN C 66 -0.60 -18.92 -1.08
CA ASN C 66 -0.24 -20.17 -0.41
C ASN C 66 0.87 -19.94 0.61
N LEU C 67 1.09 -18.68 0.95
CA LEU C 67 2.01 -18.32 2.01
C LEU C 67 1.56 -19.01 3.30
N PRO C 68 2.39 -19.92 3.84
CA PRO C 68 2.01 -20.58 5.09
C PRO C 68 1.67 -19.59 6.20
N GLU C 69 0.76 -19.95 7.09
CA GLU C 69 0.42 -19.12 8.23
C GLU C 69 1.68 -18.87 9.05
N GLY C 70 1.84 -17.64 9.52
CA GLY C 70 2.98 -17.29 10.35
C GLY C 70 4.19 -16.84 9.56
N TYR C 71 4.06 -16.81 8.23
CA TYR C 71 5.14 -16.35 7.36
C TYR C 71 4.78 -15.04 6.68
N ALA C 72 5.80 -14.35 6.18
CA ALA C 72 5.60 -13.14 5.41
C ALA C 72 6.76 -12.93 4.44
N ARG C 73 6.47 -12.32 3.30
CA ARG C 73 7.49 -11.94 2.33
C ARG C 73 8.06 -10.60 2.76
N VAL C 74 9.39 -10.49 2.75
CA VAL C 74 10.03 -9.21 3.00
C VAL C 74 11.04 -8.89 1.92
N THR C 75 11.20 -7.60 1.72
CA THR C 75 12.10 -7.05 0.73
C THR C 75 12.58 -5.73 1.33
N ALA C 76 13.89 -5.55 1.40
CA ALA C 76 14.43 -4.42 2.13
C ALA C 76 15.90 -4.17 1.86
N VAL C 77 16.28 -2.90 1.94
CA VAL C 77 17.67 -2.49 1.78
C VAL C 77 18.45 -2.79 3.05
N LEU C 78 19.48 -3.61 2.93
CA LEU C 78 20.29 -4.01 4.08
C LEU C 78 21.77 -4.05 3.71
N PRO C 79 22.64 -3.97 4.72
CA PRO C 79 24.05 -4.25 4.51
C PRO C 79 24.42 -5.73 4.60
N GLU C 80 25.66 -6.04 4.22
CA GLU C 80 26.17 -7.42 4.15
C GLU C 80 25.96 -8.22 5.43
N HIS C 81 26.15 -7.60 6.58
CA HIS C 81 26.16 -8.32 7.84
C HIS C 81 24.75 -8.64 8.33
N GLN C 82 23.79 -7.76 8.00
CA GLN C 82 22.39 -8.04 8.25
C GLN C 82 21.82 -8.92 7.13
N ALA C 83 22.34 -8.71 5.91
CA ALA C 83 21.93 -9.51 4.76
C ALA C 83 22.34 -10.96 4.94
N TYR C 84 23.47 -11.17 5.61
CA TYR C 84 23.97 -12.51 5.87
C TYR C 84 22.99 -13.30 6.73
N ILE C 85 22.65 -12.72 7.88
CA ILE C 85 21.72 -13.33 8.81
C ILE C 85 20.40 -13.70 8.14
N VAL C 86 19.93 -12.83 7.24
CA VAL C 86 18.72 -13.09 6.47
C VAL C 86 18.88 -14.36 5.64
N ARG C 87 20.02 -14.48 4.97
CA ARG C 87 20.26 -15.58 4.05
C ARG C 87 20.33 -16.91 4.79
N LYS C 88 20.72 -16.85 6.07
CA LYS C 88 20.78 -18.04 6.90
C LYS C 88 19.39 -18.37 7.41
N TRP C 89 18.64 -17.34 7.79
CA TRP C 89 17.27 -17.48 8.25
C TRP C 89 16.39 -18.11 7.17
N GLU C 90 16.52 -17.60 5.95
CA GLU C 90 15.67 -18.03 4.84
C GLU C 90 15.80 -19.52 4.56
N ALA C 91 17.02 -20.03 4.66
CA ALA C 91 17.27 -21.43 4.36
C ALA C 91 16.68 -22.32 5.45
N ASP C 92 16.89 -21.93 6.70
CA ASP C 92 16.38 -22.70 7.84
C ASP C 92 14.86 -22.80 7.80
N ALA C 93 14.21 -21.84 7.14
CA ALA C 93 12.76 -21.85 7.00
C ALA C 93 12.32 -23.02 6.13
N LYS C 94 12.96 -23.17 4.97
CA LYS C 94 12.70 -24.28 4.06
C LYS C 94 12.78 -25.62 4.78
N LYS C 95 13.91 -25.86 5.44
CA LYS C 95 14.19 -27.15 6.05
C LYS C 95 13.14 -27.54 7.10
N LYS C 96 12.69 -26.55 7.88
CA LYS C 96 11.71 -26.79 8.94
C LYS C 96 10.39 -27.29 8.36
N GLN C 97 10.04 -26.79 7.18
CA GLN C 97 8.83 -27.22 6.50
C GLN C 97 8.98 -28.63 5.94
N GLU C 98 10.20 -28.99 5.58
CA GLU C 98 10.46 -30.26 4.91
C GLU C 98 10.79 -31.40 5.87
N THR C 99 10.38 -31.25 7.13
CA THR C 99 10.79 -32.19 8.17
C THR C 99 9.63 -32.55 9.09
N LYS D 3 -22.81 -5.19 -9.99
CA LYS D 3 -22.99 -5.09 -11.43
C LYS D 3 -23.21 -3.64 -11.84
N ARG D 4 -24.31 -3.04 -11.38
CA ARG D 4 -24.62 -1.65 -11.70
C ARG D 4 -25.21 -0.92 -10.49
N LEU D 5 -25.12 0.40 -10.49
CA LEU D 5 -25.71 1.24 -9.46
C LEU D 5 -26.41 2.44 -10.07
N THR D 6 -27.44 2.94 -9.39
CA THR D 6 -28.05 4.22 -9.75
C THR D 6 -27.17 5.33 -9.19
N GLU D 7 -27.37 6.55 -9.68
CA GLU D 7 -26.61 7.69 -9.17
C GLU D 7 -26.97 7.91 -7.71
N SER D 8 -28.22 7.56 -7.38
CA SER D 8 -28.71 7.68 -6.01
C SER D 8 -28.00 6.69 -5.12
N GLN D 9 -27.88 5.45 -5.59
CA GLN D 9 -27.18 4.40 -4.85
C GLN D 9 -25.69 4.70 -4.82
N PHE D 10 -25.16 5.17 -5.94
CA PHE D 10 -23.77 5.56 -6.04
C PHE D 10 -23.42 6.61 -4.99
N GLN D 11 -24.18 7.70 -4.96
CA GLN D 11 -23.95 8.78 -4.00
C GLN D 11 -23.89 8.24 -2.58
N GLU D 12 -24.86 7.39 -2.24
CA GLU D 12 -24.95 6.83 -0.90
C GLU D 12 -23.70 6.03 -0.56
N ALA D 13 -23.22 5.26 -1.53
CA ALA D 13 -22.12 4.34 -1.29
C ALA D 13 -20.76 5.03 -1.09
N ILE D 14 -20.57 6.20 -1.70
CA ILE D 14 -19.26 6.88 -1.66
C ILE D 14 -19.06 7.79 -0.46
N GLN D 15 -20.11 8.03 0.31
CA GLN D 15 -20.06 9.02 1.39
CA GLN D 15 -20.04 9.03 1.38
C GLN D 15 -19.00 8.70 2.45
N GLY D 16 -18.87 7.42 2.80
CA GLY D 16 -17.95 7.03 3.86
C GLY D 16 -16.55 6.65 3.39
N LEU D 17 -16.31 6.74 2.09
CA LEU D 17 -15.06 6.25 1.53
C LEU D 17 -13.92 7.27 1.59
N GLU D 18 -12.77 6.79 2.06
CA GLU D 18 -11.56 7.61 2.13
C GLU D 18 -10.70 7.36 0.91
N VAL D 19 -11.11 7.95 -0.21
CA VAL D 19 -10.43 7.80 -1.49
C VAL D 19 -10.34 9.16 -2.20
N GLY D 20 -9.57 9.19 -3.28
CA GLY D 20 -9.47 10.38 -4.12
C GLY D 20 -10.58 10.39 -5.15
N GLN D 21 -10.75 11.53 -5.82
CA GLN D 21 -11.83 11.68 -6.80
CA GLN D 21 -11.83 11.69 -6.80
C GLN D 21 -11.69 10.70 -7.95
N GLN D 22 -10.45 10.39 -8.33
CA GLN D 22 -10.21 9.45 -9.43
C GLN D 22 -10.91 8.11 -9.18
N THR D 23 -10.83 7.62 -7.94
CA THR D 23 -11.45 6.36 -7.55
C THR D 23 -12.96 6.44 -7.74
N ILE D 24 -13.52 7.54 -7.27
CA ILE D 24 -14.95 7.79 -7.38
C ILE D 24 -15.39 7.87 -8.84
N GLU D 25 -14.61 8.58 -9.64
CA GLU D 25 -14.93 8.76 -11.05
C GLU D 25 -14.84 7.47 -11.85
N ILE D 26 -13.83 6.65 -11.55
CA ILE D 26 -13.74 5.33 -12.17
C ILE D 26 -14.96 4.49 -11.81
N ALA D 27 -15.33 4.52 -10.54
CA ALA D 27 -16.45 3.71 -10.06
C ALA D 27 -17.78 4.14 -10.69
N ARG D 28 -17.96 5.44 -10.87
CA ARG D 28 -19.16 5.95 -11.53
C ARG D 28 -19.22 5.42 -12.95
N GLY D 29 -18.12 5.56 -13.68
CA GLY D 29 -18.06 5.16 -15.07
C GLY D 29 -18.39 3.69 -15.26
N VAL D 30 -17.91 2.86 -14.35
CA VAL D 30 -18.09 1.42 -14.44
C VAL D 30 -19.47 0.97 -13.96
N LEU D 31 -19.87 1.46 -12.79
CA LEU D 31 -21.06 0.95 -12.12
C LEU D 31 -22.34 1.68 -12.51
N VAL D 32 -22.23 2.97 -12.82
CA VAL D 32 -23.41 3.77 -13.13
C VAL D 32 -23.62 3.86 -14.64
N ASP D 33 -22.56 4.24 -15.35
CA ASP D 33 -22.64 4.44 -16.78
C ASP D 33 -22.41 3.14 -17.56
N GLY D 34 -21.85 2.15 -16.87
CA GLY D 34 -21.76 0.82 -17.42
C GLY D 34 -20.58 0.54 -18.34
N LYS D 35 -19.57 1.40 -18.32
CA LYS D 35 -18.40 1.22 -19.18
C LYS D 35 -17.49 0.13 -18.61
N PRO D 36 -16.73 -0.56 -19.48
CA PRO D 36 -15.82 -1.62 -19.00
C PRO D 36 -14.66 -1.06 -18.17
N GLN D 37 -14.14 -1.87 -17.25
CA GLN D 37 -13.03 -1.46 -16.40
C GLN D 37 -11.76 -1.20 -17.18
N ALA D 38 -11.51 -2.03 -18.20
CA ALA D 38 -10.27 -1.96 -18.96
C ALA D 38 -10.12 -0.63 -19.69
N THR D 39 -11.24 0.07 -19.89
CA THR D 39 -11.23 1.37 -20.54
C THR D 39 -10.53 2.40 -19.66
N PHE D 40 -10.72 2.26 -18.35
CA PHE D 40 -10.16 3.18 -17.38
C PHE D 40 -8.69 2.88 -17.09
N ALA D 41 -8.36 1.59 -17.04
CA ALA D 41 -6.97 1.18 -16.90
C ALA D 41 -6.15 1.74 -18.06
N THR D 42 -6.76 1.69 -19.25
CA THR D 42 -6.09 2.13 -20.46
C THR D 42 -5.99 3.65 -20.54
N SER D 43 -7.12 4.33 -20.33
CA SER D 43 -7.16 5.78 -20.43
C SER D 43 -6.23 6.47 -19.43
N LEU D 44 -6.28 6.00 -18.18
CA LEU D 44 -5.60 6.68 -17.08
C LEU D 44 -4.20 6.14 -16.82
N GLY D 45 -3.91 4.94 -17.32
CA GLY D 45 -2.61 4.33 -17.08
C GLY D 45 -2.56 3.67 -15.70
N LEU D 46 -3.62 2.92 -15.38
CA LEU D 46 -3.70 2.23 -14.11
C LEU D 46 -3.64 0.74 -14.34
N THR D 47 -3.17 0.00 -13.34
CA THR D 47 -3.23 -1.46 -13.39
C THR D 47 -4.70 -1.86 -13.36
N ARG D 48 -5.00 -3.07 -13.79
CA ARG D 48 -6.38 -3.54 -13.72
C ARG D 48 -6.76 -3.78 -12.25
N GLY D 49 -5.75 -4.11 -11.44
CA GLY D 49 -5.96 -4.28 -10.02
C GLY D 49 -6.39 -3.00 -9.34
N ALA D 50 -5.74 -1.89 -9.67
CA ALA D 50 -6.09 -0.60 -9.08
C ALA D 50 -7.50 -0.21 -9.46
N VAL D 51 -7.89 -0.54 -10.69
CA VAL D 51 -9.23 -0.24 -11.18
C VAL D 51 -10.27 -1.15 -10.52
N SER D 52 -9.98 -2.44 -10.43
CA SER D 52 -10.91 -3.39 -9.82
C SER D 52 -11.09 -3.03 -8.35
N GLN D 53 -10.02 -2.59 -7.71
CA GLN D 53 -10.07 -2.20 -6.31
C GLN D 53 -10.92 -0.94 -6.13
N ALA D 54 -10.81 0.00 -7.07
CA ALA D 54 -11.61 1.21 -7.00
C ALA D 54 -13.10 0.88 -7.12
N VAL D 55 -13.44 0.02 -8.07
CA VAL D 55 -14.83 -0.36 -8.29
C VAL D 55 -15.36 -1.16 -7.10
N HIS D 56 -14.54 -2.08 -6.59
CA HIS D 56 -14.96 -2.95 -5.50
C HIS D 56 -15.30 -2.18 -4.22
N ARG D 57 -14.49 -1.19 -3.89
CA ARG D 57 -14.69 -0.39 -2.68
C ARG D 57 -16.08 0.23 -2.70
N VAL D 58 -16.47 0.73 -3.87
CA VAL D 58 -17.75 1.40 -4.02
C VAL D 58 -18.88 0.38 -3.98
N TRP D 59 -18.72 -0.74 -4.69
CA TRP D 59 -19.73 -1.79 -4.71
C TRP D 59 -19.93 -2.39 -3.33
N ALA D 60 -18.83 -2.68 -2.64
CA ALA D 60 -18.90 -3.26 -1.29
C ALA D 60 -19.64 -2.31 -0.34
N ALA D 61 -19.44 -1.02 -0.54
CA ALA D 61 -20.12 -0.01 0.27
C ALA D 61 -21.63 -0.05 0.06
N PHE D 62 -22.04 -0.42 -1.14
CA PHE D 62 -23.46 -0.59 -1.43
C PHE D 62 -24.00 -1.87 -0.79
N GLU D 63 -23.28 -2.98 -0.99
CA GLU D 63 -23.69 -4.28 -0.45
C GLU D 63 -23.70 -4.30 1.08
N ASP D 64 -22.68 -3.71 1.68
CA ASP D 64 -22.47 -3.80 3.13
C ASP D 64 -22.74 -2.46 3.80
N GLY D 70 -22.42 -4.22 12.59
CA GLY D 70 -21.71 -4.69 13.78
C GLY D 70 -20.21 -4.47 13.66
N TYR D 71 -19.83 -3.31 13.13
CA TYR D 71 -18.43 -2.97 12.92
C TYR D 71 -18.11 -1.56 13.43
N ALA D 72 -16.84 -1.29 13.63
CA ALA D 72 -16.40 0.05 14.03
C ALA D 72 -14.96 0.32 13.57
N ARG D 73 -14.67 1.59 13.31
CA ARG D 73 -13.35 2.04 12.90
C ARG D 73 -12.53 2.42 14.13
N VAL D 74 -11.32 1.89 14.22
CA VAL D 74 -10.42 2.23 15.32
C VAL D 74 -9.08 2.72 14.81
N THR D 75 -8.50 3.64 15.56
CA THR D 75 -7.19 4.19 15.26
C THR D 75 -6.44 4.32 16.58
N ALA D 76 -5.28 3.67 16.68
CA ALA D 76 -4.57 3.57 17.94
C ALA D 76 -3.09 3.33 17.75
N VAL D 77 -2.28 3.77 18.72
CA VAL D 77 -0.87 3.40 18.77
C VAL D 77 -0.72 2.42 19.91
N LEU D 78 -0.18 1.25 19.59
CA LEU D 78 -0.16 0.13 20.51
C LEU D 78 1.22 -0.51 20.54
N PRO D 79 1.49 -1.32 21.57
CA PRO D 79 2.65 -2.20 21.54
C PRO D 79 2.63 -3.02 20.26
N GLU D 80 3.77 -3.21 19.62
CA GLU D 80 3.84 -3.79 18.29
C GLU D 80 3.09 -5.13 18.19
N HIS D 81 3.15 -5.93 19.24
CA HIS D 81 2.54 -7.25 19.21
C HIS D 81 1.03 -7.16 19.07
N GLN D 82 0.44 -6.09 19.61
CA GLN D 82 -0.99 -5.86 19.48
C GLN D 82 -1.34 -5.20 18.15
N ALA D 83 -0.44 -4.35 17.64
CA ALA D 83 -0.63 -3.75 16.33
C ALA D 83 -0.71 -4.82 15.25
N TYR D 84 0.14 -5.83 15.38
CA TYR D 84 0.19 -6.93 14.41
C TYR D 84 -1.08 -7.76 14.46
N ILE D 85 -1.64 -7.89 15.66
CA ILE D 85 -2.86 -8.66 15.85
C ILE D 85 -4.05 -7.94 15.23
N VAL D 86 -4.07 -6.62 15.34
CA VAL D 86 -5.14 -5.82 14.76
C VAL D 86 -5.14 -5.97 13.24
N ARG D 87 -3.93 -6.01 12.67
CA ARG D 87 -3.79 -6.12 11.22
C ARG D 87 -4.22 -7.50 10.73
N LYS D 88 -3.92 -8.53 11.53
CA LYS D 88 -4.34 -9.89 11.19
C LYS D 88 -5.85 -10.04 11.34
N TRP D 89 -6.40 -9.45 12.41
CA TRP D 89 -7.85 -9.43 12.63
C TRP D 89 -8.57 -8.81 11.44
N GLU D 90 -8.13 -7.60 11.07
CA GLU D 90 -8.71 -6.87 9.95
C GLU D 90 -8.66 -7.72 8.69
N ALA D 91 -7.51 -8.33 8.44
CA ALA D 91 -7.34 -9.18 7.27
C ALA D 91 -8.27 -10.40 7.31
N ASP D 92 -8.29 -11.09 8.45
CA ASP D 92 -9.15 -12.26 8.59
C ASP D 92 -10.62 -11.87 8.49
N ALA D 93 -10.94 -10.64 8.88
CA ALA D 93 -12.31 -10.16 8.85
C ALA D 93 -12.79 -9.89 7.42
N LYS D 94 -11.90 -9.39 6.57
CA LYS D 94 -12.25 -9.06 5.20
C LYS D 94 -12.31 -10.30 4.30
N LYS D 95 -11.53 -11.33 4.65
CA LYS D 95 -11.61 -12.60 3.93
C LYS D 95 -12.85 -13.38 4.35
N LYS D 96 -13.34 -13.09 5.55
CA LYS D 96 -14.58 -13.68 6.04
C LYS D 96 -15.76 -12.99 5.36
N GLN D 97 -15.70 -11.66 5.27
CA GLN D 97 -16.74 -10.89 4.61
C GLN D 97 -16.72 -11.14 3.10
N GLU D 98 -15.61 -11.68 2.60
CA GLU D 98 -15.50 -12.01 1.18
C GLU D 98 -16.44 -13.15 0.81
N THR D 99 -16.52 -14.14 1.69
CA THR D 99 -17.34 -15.33 1.44
C THR D 99 -18.57 -15.34 2.34
N LYS D 100 -18.35 -15.52 3.64
CA LYS D 100 -19.43 -15.45 4.63
C LYS D 100 -20.48 -16.52 4.37
N ARG D 101 -21.44 -16.20 3.50
CA ARG D 101 -22.54 -17.10 3.15
C ARG D 101 -23.45 -17.45 4.33
C ACT E . -4.80 13.65 1.34
O ACT E . -3.90 12.77 1.42
OXT ACT E . -4.72 14.45 0.38
CH3 ACT E . -5.92 13.73 2.33
C ACT F . -1.52 6.53 -8.57
O ACT F . -1.86 5.99 -9.65
OXT ACT F . -2.20 6.28 -7.55
CH3 ACT F . -0.34 7.44 -8.52
#